data_5FZB
#
_entry.id   5FZB
#
_cell.length_a   143.410
_cell.length_b   143.410
_cell.length_c   153.370
_cell.angle_alpha   90.00
_cell.angle_beta   90.00
_cell.angle_gamma   120.00
#
_symmetry.space_group_name_H-M   'P 65 2 2'
#
loop_
_entity.id
_entity.type
_entity.pdbx_description
1 polymer 'LYSINE-SPECIFIC DEMETHYLASE 5B'
2 non-polymer 'ZINC ION'
3 non-polymer 'DIMETHYL SULFOXIDE'
4 non-polymer 'MANGANESE (II) ION'
5 non-polymer '4-(2-HYDROXYETHYL)-1-PIPERAZINE ETHANESULFONIC ACID'
6 non-polymer 1,2-ETHANEDIOL
7 non-polymer 'CHLORIDE ION'
8 non-polymer 1-pyridin-4-ylthiourea
9 non-polymer 'PHOSPHATE ION'
10 water water
#
_entity_poly.entity_id   1
_entity_poly.type   'polypeptide(L)'
_entity_poly.pdbx_seq_one_letter_code
;SMFLPPPECPVFEPSWEEFADPFAFIHKIRPIAEQTGICKVRPPPDWQPPFACDVDKLHFTPRIQRLNELEAQTRLKLGG
GGARDYTLRTFGEMADAFKSDYFNMPVHMVPTELVEKEFWRLVSTIEEDVTVEYGADIASKEFGSGFPVRDGKIKLSPEE
EEYLDSGWNLNNMPVMEQSVLAHITADICGMKLPWLYVGMCFSSFCWHIEDHWSYSINYLHWGEPKTWYGVPGYAAEQLE
NVMKKLAPELFVSQPDLLHQLVTIMNPNTLMTHEVPVYRTNQCAGEFVITFPRAYHSGFNQGFNFAEAVNFCTVDWLPLG
RQCVEHYRLLHRYCVFSHDEMICKMASKADVLDVVVASTVQKDMAIMIEDEKALRETVRKLGVIDSERMDFELLPDDERQ
CVKCKTTCFMSAISCSCKPGLLVCLHHVKELCSCPPYKYKLRYRYTLDDLYPMMNALKLRAESYNEWALNVNEALEAKI
;
_entity_poly.pdbx_strand_id   A
#
loop_
_chem_comp.id
_chem_comp.type
_chem_comp.name
_chem_comp.formula
CL non-polymer 'CHLORIDE ION' 'Cl -1'
DMS non-polymer 'DIMETHYL SULFOXIDE' 'C2 H6 O S'
EDO non-polymer 1,2-ETHANEDIOL 'C2 H6 O2'
EPE non-polymer '4-(2-HYDROXYETHYL)-1-PIPERAZINE ETHANESULFONIC ACID' 'C8 H18 N2 O4 S'
MN non-polymer 'MANGANESE (II) ION' 'Mn 2'
PO4 non-polymer 'PHOSPHATE ION' 'O4 P -3'
YS6 non-polymer 1-pyridin-4-ylthiourea 'C6 H7 N3 S'
ZN non-polymer 'ZINC ION' 'Zn 2'
#
# COMPACT_ATOMS: atom_id res chain seq x y z
N SER A 1 -23.13 -9.44 -21.65
CA SER A 1 -23.25 -8.86 -22.98
C SER A 1 -22.92 -7.38 -22.93
N MET A 2 -23.62 -6.64 -22.07
CA MET A 2 -23.13 -5.31 -21.70
C MET A 2 -21.94 -5.52 -20.75
N PHE A 3 -22.16 -6.17 -19.60
CA PHE A 3 -21.05 -6.50 -18.67
C PHE A 3 -20.96 -7.99 -18.37
N LEU A 4 -19.82 -8.59 -18.69
CA LEU A 4 -19.52 -9.98 -18.35
C LEU A 4 -18.61 -10.03 -17.12
N PRO A 5 -19.16 -10.45 -15.96
CA PRO A 5 -18.37 -10.49 -14.73
C PRO A 5 -17.14 -11.38 -14.84
N PRO A 6 -15.97 -10.87 -14.42
CA PRO A 6 -14.75 -11.70 -14.34
C PRO A 6 -14.97 -12.91 -13.44
N PRO A 7 -14.16 -13.96 -13.61
CA PRO A 7 -14.24 -15.13 -12.72
C PRO A 7 -13.95 -14.77 -11.26
N GLU A 8 -14.50 -15.55 -10.33
CA GLU A 8 -14.34 -15.28 -8.89
C GLU A 8 -12.91 -15.58 -8.41
N CYS A 9 -12.38 -14.75 -7.51
CA CYS A 9 -11.06 -15.01 -6.91
C CYS A 9 -11.18 -16.14 -5.87
N PRO A 10 -10.04 -16.66 -5.37
CA PRO A 10 -10.07 -17.72 -4.32
C PRO A 10 -10.70 -17.24 -3.00
N VAL A 11 -11.42 -18.14 -2.33
CA VAL A 11 -12.00 -17.87 -1.01
C VAL A 11 -11.47 -18.89 0.00
N PHE A 12 -10.97 -18.42 1.13
CA PHE A 12 -10.39 -19.30 2.12
C PHE A 12 -11.21 -19.29 3.41
N GLU A 13 -11.37 -20.47 3.99
CA GLU A 13 -11.99 -20.65 5.30
C GLU A 13 -11.05 -21.48 6.18
N PRO A 14 -10.13 -20.80 6.90
CA PRO A 14 -9.18 -21.50 7.75
C PRO A 14 -9.81 -21.98 9.05
N SER A 15 -9.34 -23.12 9.57
CA SER A 15 -9.72 -23.59 10.91
C SER A 15 -9.18 -22.64 11.98
N TRP A 16 -9.65 -22.80 13.21
N TRP A 16 -9.65 -22.79 13.21
CA TRP A 16 -9.15 -22.02 14.35
CA TRP A 16 -9.13 -21.99 14.31
C TRP A 16 -7.64 -22.22 14.50
C TRP A 16 -7.63 -22.20 14.44
N GLU A 17 -7.17 -23.40 14.11
CA GLU A 17 -5.74 -23.71 14.16
C GLU A 17 -4.95 -22.90 13.11
N GLU A 18 -5.40 -22.96 11.85
CA GLU A 18 -4.77 -22.22 10.75
C GLU A 18 -4.84 -20.71 10.97
N PHE A 19 -5.96 -20.26 11.52
CA PHE A 19 -6.25 -18.84 11.73
C PHE A 19 -5.40 -18.21 12.83
N ALA A 20 -4.80 -19.04 13.68
CA ALA A 20 -4.06 -18.56 14.84
C ALA A 20 -2.94 -17.57 14.49
N ASP A 21 -2.09 -17.96 13.54
CA ASP A 21 -1.04 -17.10 13.05
C ASP A 21 -1.31 -16.58 11.63
N PRO A 22 -1.65 -15.28 11.51
CA PRO A 22 -1.94 -14.64 10.22
C PRO A 22 -0.78 -14.75 9.21
N PHE A 23 0.46 -14.58 9.66
CA PHE A 23 1.60 -14.61 8.73
C PHE A 23 1.89 -16.01 8.22
N ALA A 24 1.70 -17.02 9.08
CA ALA A 24 1.87 -18.40 8.61
C ALA A 24 0.77 -18.76 7.62
N PHE A 25 -0.46 -18.32 7.90
CA PHE A 25 -1.58 -18.60 7.00
C PHE A 25 -1.37 -17.96 5.62
N ILE A 26 -1.00 -16.69 5.61
CA ILE A 26 -0.78 -15.95 4.37
C ILE A 26 0.32 -16.60 3.53
N HIS A 27 1.39 -17.05 4.20
CA HIS A 27 2.45 -17.76 3.49
C HIS A 27 1.93 -19.10 2.90
N LYS A 28 1.01 -19.75 3.60
CA LYS A 28 0.43 -21.00 3.09
C LYS A 28 -0.37 -20.77 1.79
N ILE A 29 -1.27 -19.78 1.78
CA ILE A 29 -2.13 -19.53 0.62
C ILE A 29 -1.42 -18.83 -0.53
N ARG A 30 -0.23 -18.30 -0.26
CA ARG A 30 0.53 -17.49 -1.21
C ARG A 30 0.68 -18.08 -2.63
N PRO A 31 0.97 -19.39 -2.75
CA PRO A 31 1.15 -19.87 -4.12
C PRO A 31 -0.14 -19.82 -4.96
N ILE A 32 -1.29 -19.91 -4.30
CA ILE A 32 -2.58 -19.82 -4.98
C ILE A 32 -2.99 -18.38 -5.23
N ALA A 33 -3.04 -17.61 -4.14
CA ALA A 33 -3.55 -16.24 -4.17
C ALA A 33 -2.72 -15.30 -5.05
N GLU A 34 -1.41 -15.55 -5.15
CA GLU A 34 -0.57 -14.63 -5.92
C GLU A 34 -0.79 -14.81 -7.42
N GLN A 35 -1.48 -15.88 -7.80
CA GLN A 35 -1.83 -16.09 -9.20
C GLN A 35 -3.06 -15.27 -9.59
N THR A 36 -3.77 -14.76 -8.60
CA THR A 36 -5.00 -14.02 -8.86
C THR A 36 -4.98 -12.60 -8.32
N GLY A 37 -3.95 -12.25 -7.56
CA GLY A 37 -3.78 -10.88 -7.13
C GLY A 37 -4.54 -10.54 -5.86
N ILE A 38 -5.83 -10.87 -5.81
CA ILE A 38 -6.59 -10.71 -4.57
C ILE A 38 -7.13 -12.07 -4.12
N CYS A 39 -7.53 -12.14 -2.85
CA CYS A 39 -8.21 -13.31 -2.32
C CYS A 39 -9.04 -12.89 -1.13
N LYS A 40 -9.98 -13.73 -0.74
CA LYS A 40 -10.88 -13.40 0.35
C LYS A 40 -10.69 -14.39 1.50
N VAL A 41 -10.77 -13.91 2.72
CA VAL A 41 -10.60 -14.79 3.88
C VAL A 41 -11.78 -14.70 4.82
N ARG A 42 -12.41 -15.85 5.05
CA ARG A 42 -13.51 -15.94 5.99
C ARG A 42 -13.01 -16.42 7.34
N PRO A 43 -13.12 -15.58 8.36
CA PRO A 43 -12.70 -16.04 9.69
C PRO A 43 -13.56 -17.20 10.18
N PRO A 44 -13.06 -17.99 11.15
CA PRO A 44 -13.91 -18.94 11.89
C PRO A 44 -15.15 -18.26 12.46
N PRO A 45 -16.27 -18.99 12.51
CA PRO A 45 -17.63 -18.52 12.82
C PRO A 45 -17.76 -17.72 14.12
N ASP A 46 -17.01 -18.10 15.14
CA ASP A 46 -17.10 -17.45 16.45
C ASP A 46 -16.19 -16.23 16.59
N TRP A 47 -15.14 -16.16 15.77
CA TRP A 47 -14.31 -14.96 15.70
C TRP A 47 -15.20 -13.80 15.26
N GLN A 48 -15.68 -13.04 16.23
CA GLN A 48 -16.53 -11.91 15.94
C GLN A 48 -16.19 -10.77 16.87
N PRO A 49 -15.24 -9.92 16.44
CA PRO A 49 -14.80 -8.75 17.19
C PRO A 49 -15.95 -7.82 17.43
N PRO A 50 -16.01 -7.25 18.62
CA PRO A 50 -17.12 -6.36 18.95
C PRO A 50 -16.98 -5.05 18.23
N PHE A 51 -17.90 -4.75 17.32
CA PHE A 51 -17.94 -3.39 16.85
C PHE A 51 -18.93 -2.61 17.70
N ALA A 52 -18.46 -1.50 18.27
CA ALA A 52 -19.30 -0.61 19.03
C ALA A 52 -18.81 0.82 18.88
N CYS A 53 -19.75 1.73 18.68
CA CYS A 53 -19.49 3.16 18.55
C CYS A 53 -20.79 3.95 18.59
N ASP A 54 -20.69 5.22 18.94
CA ASP A 54 -21.83 6.13 18.88
C ASP A 54 -21.83 6.81 17.51
N VAL A 55 -22.96 6.71 16.83
CA VAL A 55 -23.08 7.23 15.48
C VAL A 55 -23.19 8.76 15.42
N ASP A 56 -23.48 9.38 16.57
CA ASP A 56 -23.69 10.84 16.64
C ASP A 56 -22.42 11.62 17.00
N LYS A 57 -21.46 10.95 17.63
CA LYS A 57 -20.26 11.62 18.11
C LYS A 57 -19.08 11.46 17.16
N LEU A 58 -19.17 10.52 16.24
CA LEU A 58 -18.15 10.37 15.21
C LEU A 58 -18.41 11.32 14.03
N HIS A 59 -17.56 12.34 13.87
CA HIS A 59 -17.63 13.32 12.76
CA HIS A 59 -17.71 13.20 12.69
C HIS A 59 -16.51 13.05 11.74
N PHE A 60 -16.76 13.35 10.47
CA PHE A 60 -15.69 13.33 9.45
C PHE A 60 -16.03 14.22 8.25
N THR A 61 -15.00 14.60 7.52
CA THR A 61 -15.14 15.52 6.39
C THR A 61 -15.26 14.72 5.09
N PRO A 62 -16.40 14.86 4.41
CA PRO A 62 -16.69 14.07 3.19
C PRO A 62 -15.82 14.46 2.01
N ARG A 63 -15.39 13.49 1.21
CA ARG A 63 -14.81 13.75 -0.10
C ARG A 63 -15.85 13.51 -1.21
N ILE A 64 -15.77 14.27 -2.30
CA ILE A 64 -16.75 14.18 -3.39
C ILE A 64 -16.13 13.53 -4.63
N GLN A 65 -16.94 12.75 -5.33
CA GLN A 65 -16.44 11.92 -6.40
C GLN A 65 -17.37 11.91 -7.61
N ARG A 66 -16.81 12.22 -8.79
CA ARG A 66 -17.51 12.06 -10.07
C ARG A 66 -17.25 10.68 -10.66
N LEU A 67 -18.26 10.12 -11.31
CA LEU A 67 -18.16 8.74 -11.77
C LEU A 67 -18.03 8.61 -13.30
N ASN A 68 -16.84 8.88 -13.83
CA ASN A 68 -16.59 8.79 -15.27
C ASN A 68 -15.40 7.91 -15.62
N GLU A 69 -15.64 6.89 -16.44
CA GLU A 69 -14.60 5.99 -16.90
C GLU A 69 -13.48 6.76 -17.59
N LEU A 70 -12.24 6.39 -17.29
CA LEU A 70 -11.03 6.97 -17.91
C LEU A 70 -10.73 8.42 -17.50
N GLU A 71 -11.62 9.03 -16.70
CA GLU A 71 -11.38 10.36 -16.17
C GLU A 71 -10.37 10.32 -15.02
N ALA A 72 -9.46 11.30 -14.98
CA ALA A 72 -8.42 11.35 -13.95
C ALA A 72 -8.95 11.76 -12.58
N GLN A 73 -8.46 11.08 -11.56
CA GLN A 73 -8.72 11.43 -10.17
C GLN A 73 -7.38 11.41 -9.42
N THR A 74 -7.30 12.13 -8.31
CA THR A 74 -6.06 12.13 -7.53
C THR A 74 -6.22 11.24 -6.30
N ARG A 75 -5.18 10.48 -5.96
CA ARG A 75 -5.16 9.66 -4.74
C ARG A 75 -5.27 10.52 -3.48
N LEU A 76 -5.95 9.99 -2.46
CA LEU A 76 -6.23 10.74 -1.23
C LEU A 76 -4.99 10.99 -0.39
N LYS A 77 -5.06 12.01 0.47
CA LYS A 77 -3.95 12.33 1.37
C LYS A 77 -4.45 12.75 2.74
N ARG A 84 -17.58 21.00 4.55
CA ARG A 84 -18.79 20.31 5.00
C ARG A 84 -18.46 19.29 6.09
N ASP A 85 -19.47 18.67 6.67
CA ASP A 85 -19.22 17.73 7.76
C ASP A 85 -20.41 16.79 8.01
N TYR A 86 -20.12 15.50 8.18
CA TYR A 86 -21.15 14.50 8.47
C TYR A 86 -20.88 13.81 9.81
N THR A 87 -21.93 13.42 10.53
CA THR A 87 -21.75 12.38 11.53
C THR A 87 -22.00 11.03 10.84
N LEU A 88 -21.59 9.94 11.48
CA LEU A 88 -21.86 8.62 10.92
C LEU A 88 -23.37 8.45 10.68
N ARG A 89 -24.19 9.02 11.57
CA ARG A 89 -25.65 8.91 11.38
C ARG A 89 -26.15 9.71 10.19
N THR A 90 -25.71 10.96 10.06
CA THR A 90 -26.23 11.80 8.99
C THR A 90 -25.70 11.31 7.61
N PHE A 91 -24.50 10.72 7.58
CA PHE A 91 -24.02 10.13 6.33
C PHE A 91 -24.86 8.90 5.97
N GLY A 92 -25.13 8.06 6.97
CA GLY A 92 -25.94 6.88 6.75
C GLY A 92 -27.31 7.24 6.19
N GLU A 93 -27.95 8.26 6.77
CA GLU A 93 -29.25 8.72 6.28
C GLU A 93 -29.18 9.20 4.82
N MET A 94 -28.14 9.95 4.51
CA MET A 94 -27.93 10.44 3.15
C MET A 94 -27.74 9.26 2.20
N ALA A 95 -26.89 8.33 2.61
CA ALA A 95 -26.48 7.24 1.72
C ALA A 95 -27.63 6.29 1.38
N ASP A 96 -28.45 5.97 2.38
CA ASP A 96 -29.59 5.05 2.22
C ASP A 96 -30.69 5.67 1.35
N ALA A 97 -30.97 6.94 1.59
CA ALA A 97 -31.93 7.70 0.77
C ALA A 97 -31.46 7.77 -0.69
N PHE A 98 -30.15 7.95 -0.92
CA PHE A 98 -29.62 7.99 -2.28
C PHE A 98 -29.87 6.68 -3.02
N LYS A 99 -29.47 5.57 -2.40
CA LYS A 99 -29.66 4.26 -3.03
C LYS A 99 -31.14 3.94 -3.26
N SER A 100 -31.95 4.20 -2.25
CA SER A 100 -33.39 3.95 -2.28
C SER A 100 -34.09 4.71 -3.43
N ASP A 101 -33.76 5.99 -3.55
CA ASP A 101 -34.30 6.84 -4.61
C ASP A 101 -33.78 6.53 -6.00
N TYR A 102 -32.55 6.03 -6.09
CA TYR A 102 -31.92 5.70 -7.36
C TYR A 102 -32.60 4.51 -8.02
N PHE A 103 -33.02 3.55 -7.21
CA PHE A 103 -33.60 2.32 -7.76
C PHE A 103 -35.11 2.22 -7.53
N ASN A 104 -35.66 3.17 -6.77
CA ASN A 104 -37.06 3.11 -6.29
C ASN A 104 -37.37 1.75 -5.65
N MET A 105 -36.47 1.30 -4.79
CA MET A 105 -36.63 0.05 -4.05
C MET A 105 -36.12 0.20 -2.61
N PRO A 106 -36.50 -0.73 -1.71
CA PRO A 106 -35.79 -0.84 -0.42
C PRO A 106 -34.37 -1.41 -0.62
N VAL A 107 -33.37 -0.90 0.11
CA VAL A 107 -31.95 -1.19 -0.20
C VAL A 107 -31.52 -2.68 -0.26
N HIS A 108 -32.15 -3.51 0.57
CA HIS A 108 -31.82 -4.94 0.67
C HIS A 108 -32.43 -5.78 -0.41
N MET A 109 -33.17 -5.13 -1.29
CA MET A 109 -33.83 -5.87 -2.33
C MET A 109 -33.14 -5.62 -3.63
N VAL A 110 -32.28 -4.61 -3.69
CA VAL A 110 -31.45 -4.39 -4.87
C VAL A 110 -30.36 -5.46 -4.96
N PRO A 111 -30.48 -6.38 -5.93
CA PRO A 111 -29.50 -7.46 -6.13
C PRO A 111 -28.08 -6.94 -6.42
N THR A 112 -27.04 -7.68 -6.03
CA THR A 112 -25.67 -7.15 -6.19
C THR A 112 -25.25 -7.20 -7.65
N GLU A 113 -25.75 -8.18 -8.39
N GLU A 113 -25.75 -8.21 -8.36
CA GLU A 113 -25.49 -8.27 -9.82
CA GLU A 113 -25.61 -8.34 -9.81
C GLU A 113 -26.05 -7.07 -10.60
C GLU A 113 -26.02 -7.06 -10.54
N LEU A 114 -27.10 -6.46 -10.07
CA LEU A 114 -27.70 -5.30 -10.73
C LEU A 114 -26.93 -4.02 -10.44
N VAL A 115 -26.54 -3.81 -9.18
CA VAL A 115 -25.70 -2.65 -8.84
C VAL A 115 -24.39 -2.67 -9.66
N GLU A 116 -23.80 -3.85 -9.83
CA GLU A 116 -22.57 -4.01 -10.60
C GLU A 116 -22.76 -3.66 -12.08
N LYS A 117 -23.81 -4.22 -12.69
CA LYS A 117 -24.16 -3.92 -14.09
C LYS A 117 -24.43 -2.44 -14.28
N GLU A 118 -25.16 -1.88 -13.33
CA GLU A 118 -25.51 -0.47 -13.37
C GLU A 118 -24.33 0.44 -13.13
N PHE A 119 -23.38 0.00 -12.29
CA PHE A 119 -22.20 0.82 -12.04
C PHE A 119 -21.45 1.03 -13.35
N TRP A 120 -21.19 -0.06 -14.06
CA TRP A 120 -20.43 0.02 -15.30
C TRP A 120 -21.21 0.71 -16.44
N ARG A 121 -22.53 0.62 -16.43
CA ARG A 121 -23.32 1.41 -17.38
C ARG A 121 -23.13 2.91 -17.11
N LEU A 122 -23.29 3.33 -15.85
CA LEU A 122 -23.30 4.76 -15.58
C LEU A 122 -21.94 5.46 -15.72
N VAL A 123 -20.84 4.76 -15.48
CA VAL A 123 -19.53 5.38 -15.63
C VAL A 123 -19.13 5.55 -17.11
N SER A 124 -19.78 4.80 -17.99
CA SER A 124 -19.43 4.82 -19.41
C SER A 124 -20.26 5.85 -20.19
N THR A 125 -21.49 6.11 -19.70
CA THR A 125 -22.40 7.07 -20.33
C THR A 125 -22.04 8.51 -19.98
N ILE A 126 -21.75 9.31 -20.99
CA ILE A 126 -21.28 10.68 -20.76
C ILE A 126 -22.40 11.61 -20.25
N GLU A 127 -23.65 11.29 -20.60
CA GLU A 127 -24.78 12.17 -20.28
C GLU A 127 -25.35 11.95 -18.88
N GLU A 128 -24.66 11.15 -18.09
CA GLU A 128 -25.03 10.94 -16.70
C GLU A 128 -23.98 11.53 -15.80
N ASP A 129 -24.28 12.61 -15.09
CA ASP A 129 -23.32 13.18 -14.14
C ASP A 129 -23.68 12.83 -12.68
N VAL A 130 -23.50 11.56 -12.33
CA VAL A 130 -23.70 11.12 -10.95
C VAL A 130 -22.49 11.45 -10.09
N THR A 131 -22.70 12.17 -8.98
CA THR A 131 -21.63 12.39 -8.01
C THR A 131 -22.00 11.76 -6.66
N VAL A 132 -21.03 11.17 -5.99
CA VAL A 132 -21.26 10.56 -4.69
C VAL A 132 -20.21 11.07 -3.70
N GLU A 133 -20.45 10.79 -2.41
CA GLU A 133 -19.55 11.22 -1.33
C GLU A 133 -19.06 10.01 -0.53
N TYR A 134 -17.94 10.16 0.16
CA TYR A 134 -17.36 9.06 0.95
C TYR A 134 -16.39 9.57 2.01
N GLY A 135 -16.00 8.68 2.90
CA GLY A 135 -15.01 9.00 3.92
C GLY A 135 -13.75 8.18 3.74
N ALA A 136 -12.61 8.85 3.87
CA ALA A 136 -11.32 8.16 3.91
C ALA A 136 -10.32 8.94 4.76
N ASP A 137 -9.83 8.35 5.86
CA ASP A 137 -8.83 8.97 6.74
C ASP A 137 -8.15 7.93 7.62
N ILE A 138 -6.95 8.24 8.10
CA ILE A 138 -6.33 7.37 9.10
C ILE A 138 -7.00 7.67 10.43
N ALA A 139 -6.84 6.75 11.39
CA ALA A 139 -7.50 6.91 12.70
C ALA A 139 -7.04 8.18 13.42
N SER A 140 -7.98 8.80 14.15
CA SER A 140 -7.70 9.99 14.94
C SER A 140 -8.65 10.12 16.14
N LYS A 141 -8.59 11.25 16.82
CA LYS A 141 -9.41 11.49 18.00
C LYS A 141 -10.90 11.66 17.66
N GLU A 142 -11.18 12.27 16.51
CA GLU A 142 -12.57 12.49 16.10
C GLU A 142 -13.17 11.22 15.50
N PHE A 143 -12.29 10.32 15.05
CA PHE A 143 -12.70 9.07 14.40
C PHE A 143 -11.59 8.03 14.51
N GLY A 144 -11.82 6.98 15.32
CA GLY A 144 -10.80 6.00 15.63
C GLY A 144 -11.07 4.62 15.09
N SER A 145 -10.13 3.70 15.33
CA SER A 145 -10.22 2.33 14.84
C SER A 145 -11.57 1.66 15.17
N GLY A 146 -12.01 0.78 14.27
CA GLY A 146 -13.20 0.00 14.53
C GLY A 146 -12.87 -1.20 15.40
N PHE A 147 -11.57 -1.49 15.50
CA PHE A 147 -11.10 -2.57 16.38
C PHE A 147 -10.86 -2.05 17.80
N PRO A 148 -10.92 -2.93 18.81
CA PRO A 148 -10.58 -2.55 20.18
C PRO A 148 -9.14 -2.08 20.34
N VAL A 149 -8.93 -0.99 21.07
CA VAL A 149 -7.58 -0.50 21.40
C VAL A 149 -7.47 -0.13 22.89
N ARG A 150 -6.24 -0.02 23.39
CA ARG A 150 -6.00 0.22 24.82
C ARG A 150 -6.02 1.70 25.24
N ASP A 151 -7.06 2.10 25.97
CA ASP A 151 -7.09 3.40 26.66
C ASP A 151 -7.32 3.28 28.16
N ILE A 154 -10.78 4.67 29.07
CA ILE A 154 -11.95 3.82 28.88
C ILE A 154 -11.64 2.34 29.24
N LYS A 155 -12.56 1.74 30.01
CA LYS A 155 -12.46 0.33 30.42
C LYS A 155 -13.16 -0.62 29.44
N LEU A 156 -12.53 -1.76 29.16
CA LEU A 156 -13.01 -2.72 28.18
C LEU A 156 -13.69 -3.93 28.82
N SER A 157 -14.70 -4.48 28.13
CA SER A 157 -15.39 -5.70 28.54
C SER A 157 -14.53 -6.93 28.18
N PRO A 158 -14.67 -8.04 28.93
CA PRO A 158 -13.84 -9.24 28.70
C PRO A 158 -13.76 -9.75 27.25
N GLU A 159 -14.76 -9.47 26.42
CA GLU A 159 -14.73 -9.94 25.04
C GLU A 159 -13.84 -9.03 24.18
N GLU A 160 -13.86 -7.73 24.46
CA GLU A 160 -12.97 -6.81 23.76
C GLU A 160 -11.50 -7.14 24.02
N GLU A 161 -11.19 -7.67 25.21
CA GLU A 161 -9.81 -7.96 25.56
C GLU A 161 -9.34 -9.25 24.89
N GLU A 162 -10.27 -10.16 24.61
CA GLU A 162 -9.99 -11.30 23.73
C GLU A 162 -9.31 -10.86 22.42
N TYR A 163 -9.86 -9.80 21.82
CA TYR A 163 -9.48 -9.35 20.48
C TYR A 163 -8.46 -8.21 20.50
N LEU A 164 -7.99 -7.86 21.69
CA LEU A 164 -7.03 -6.75 21.81
C LEU A 164 -5.69 -7.08 21.17
N ASP A 165 -5.29 -8.34 21.27
CA ASP A 165 -3.95 -8.71 20.86
C ASP A 165 -3.98 -9.67 19.68
N SER A 166 -5.15 -9.83 19.07
CA SER A 166 -5.27 -10.65 17.88
C SER A 166 -4.33 -10.18 16.77
N GLY A 167 -3.78 -11.10 16.00
CA GLY A 167 -3.00 -10.73 14.83
C GLY A 167 -3.86 -10.07 13.75
N TRP A 168 -5.15 -10.45 13.74
CA TRP A 168 -6.09 -9.94 12.74
C TRP A 168 -6.74 -8.63 13.16
N ASN A 169 -6.49 -8.19 14.38
CA ASN A 169 -6.76 -6.81 14.76
C ASN A 169 -5.76 -5.94 14.00
N LEU A 170 -6.24 -5.16 13.03
CA LEU A 170 -5.33 -4.49 12.09
C LEU A 170 -4.50 -3.34 12.72
N ASN A 171 -4.80 -2.94 13.95
CA ASN A 171 -3.88 -2.06 14.68
C ASN A 171 -2.57 -2.72 15.06
N ASN A 172 -2.63 -4.03 15.26
CA ASN A 172 -1.49 -4.78 15.72
C ASN A 172 -0.52 -5.17 14.61
N MET A 173 -1.08 -5.57 13.46
CA MET A 173 -0.27 -6.23 12.45
C MET A 173 0.87 -5.39 11.84
N PRO A 174 0.72 -4.05 11.79
CA PRO A 174 1.93 -3.23 11.58
C PRO A 174 3.08 -3.67 12.49
N VAL A 175 2.90 -3.51 13.80
CA VAL A 175 3.98 -3.66 14.78
C VAL A 175 4.28 -5.10 15.25
N MET A 176 3.94 -6.09 14.44
CA MET A 176 4.32 -7.47 14.77
C MET A 176 5.67 -7.79 14.13
N GLU A 177 6.26 -8.93 14.49
CA GLU A 177 7.68 -9.15 14.20
C GLU A 177 7.91 -10.05 12.96
N GLN A 178 6.90 -10.79 12.52
CA GLN A 178 6.99 -11.54 11.26
C GLN A 178 6.92 -10.56 10.07
N SER A 179 6.47 -9.35 10.38
CA SER A 179 6.49 -8.20 9.49
C SER A 179 7.86 -7.50 9.48
N VAL A 180 8.14 -6.65 8.50
CA VAL A 180 9.46 -5.99 8.44
C VAL A 180 9.34 -4.46 8.50
N LEU A 181 8.13 -3.97 8.29
CA LEU A 181 7.84 -2.54 8.19
C LEU A 181 7.72 -1.86 9.57
N ALA A 182 7.78 -2.65 10.64
CA ALA A 182 7.49 -2.13 11.97
C ALA A 182 8.71 -1.58 12.69
N HIS A 183 9.88 -2.10 12.38
CA HIS A 183 11.08 -1.57 13.00
C HIS A 183 11.59 -0.35 12.27
N ILE A 184 10.86 0.07 11.23
CA ILE A 184 11.14 1.35 10.60
C ILE A 184 10.94 2.44 11.66
N THR A 185 12.03 3.13 11.97
CA THR A 185 12.00 4.21 12.95
C THR A 185 11.35 5.45 12.35
N ALA A 186 11.73 5.76 11.10
CA ALA A 186 11.15 6.89 10.36
C ALA A 186 9.63 6.85 10.36
N ASP A 187 9.01 7.98 10.64
CA ASP A 187 7.55 8.04 10.66
C ASP A 187 7.03 7.94 9.22
N ILE A 188 6.04 7.08 9.04
CA ILE A 188 5.40 6.88 7.76
C ILE A 188 3.93 6.59 8.06
N CYS A 189 3.31 7.50 8.79
CA CYS A 189 1.92 7.38 9.25
C CYS A 189 0.98 6.95 8.13
N GLY A 190 1.16 7.50 6.92
CA GLY A 190 0.33 7.14 5.79
C GLY A 190 0.35 5.67 5.47
N MET A 191 1.44 4.98 5.83
CA MET A 191 1.68 3.63 5.34
C MET A 191 1.51 2.53 6.37
N LYS A 192 1.83 2.80 7.62
CA LYS A 192 1.82 1.75 8.64
C LYS A 192 0.64 1.87 9.62
N LEU A 193 -0.12 2.96 9.51
CA LEU A 193 -1.32 3.14 10.31
C LEU A 193 -2.56 2.75 9.53
N PRO A 194 -3.58 2.22 10.22
CA PRO A 194 -4.81 1.81 9.53
C PRO A 194 -5.59 3.00 8.96
N TRP A 195 -6.19 2.77 7.78
CA TRP A 195 -7.11 3.75 7.20
C TRP A 195 -8.56 3.30 7.42
N LEU A 196 -9.43 4.26 7.66
CA LEU A 196 -10.85 4.04 7.83
C LEU A 196 -11.66 4.53 6.63
N TYR A 197 -12.54 3.67 6.11
CA TYR A 197 -13.34 4.01 4.91
C TYR A 197 -14.85 3.90 5.10
N VAL A 198 -15.57 5.01 4.95
CA VAL A 198 -17.02 5.00 5.01
C VAL A 198 -17.60 5.06 3.58
N GLY A 199 -18.25 3.98 3.14
CA GLY A 199 -18.80 3.92 1.78
C GLY A 199 -20.30 4.18 1.62
N MET A 200 -20.70 4.49 0.39
CA MET A 200 -22.12 4.55 0.00
C MET A 200 -22.27 3.92 -1.41
N CYS A 201 -23.50 3.75 -1.89
CA CYS A 201 -23.72 3.07 -3.18
C CYS A 201 -22.94 3.78 -4.31
N PHE A 202 -22.12 3.01 -5.03
CA PHE A 202 -21.26 3.47 -6.17
C PHE A 202 -19.97 4.23 -5.80
N SER A 203 -19.75 4.56 -4.52
CA SER A 203 -18.48 5.21 -4.18
C SER A 203 -17.39 4.19 -4.47
N SER A 204 -16.27 4.68 -4.99
CA SER A 204 -15.37 3.86 -5.78
C SER A 204 -13.88 4.09 -5.48
N PHE A 205 -13.06 3.05 -5.57
CA PHE A 205 -11.60 3.27 -5.53
C PHE A 205 -10.96 2.86 -6.85
N CYS A 206 -10.15 3.77 -7.43
CA CYS A 206 -9.56 3.56 -8.75
C CYS A 206 -8.46 2.51 -8.79
N TRP A 207 -8.14 2.01 -9.99
CA TRP A 207 -7.06 1.06 -10.18
C TRP A 207 -5.73 1.60 -9.62
N HIS A 208 -5.07 0.83 -8.77
CA HIS A 208 -3.77 1.21 -8.22
C HIS A 208 -3.06 0.00 -7.62
N ILE A 209 -1.78 0.18 -7.28
CA ILE A 209 -1.03 -0.76 -6.48
C ILE A 209 -0.50 -0.02 -5.24
N GLU A 210 -0.10 -0.77 -4.21
CA GLU A 210 0.34 -0.12 -2.96
C GLU A 210 1.76 0.42 -3.10
N ASP A 211 2.05 1.51 -2.38
CA ASP A 211 3.40 2.05 -2.27
C ASP A 211 4.42 0.96 -1.89
N HIS A 212 5.58 1.01 -2.56
CA HIS A 212 6.67 0.03 -2.40
C HIS A 212 6.21 -1.43 -2.67
N TRP A 213 5.11 -1.57 -3.43
CA TRP A 213 4.58 -2.90 -3.81
C TRP A 213 4.30 -3.78 -2.58
N SER A 214 3.87 -3.14 -1.49
CA SER A 214 3.52 -3.89 -0.28
C SER A 214 2.23 -4.70 -0.43
N TYR A 215 1.99 -5.59 0.54
CA TYR A 215 0.68 -6.22 0.74
C TYR A 215 -0.31 -5.22 1.30
N SER A 216 -1.60 -5.53 1.20
CA SER A 216 -2.58 -4.88 2.07
C SER A 216 -3.67 -5.88 2.49
N ILE A 217 -4.42 -5.52 3.51
CA ILE A 217 -5.45 -6.36 4.09
C ILE A 217 -6.57 -5.44 4.55
N ASN A 218 -7.79 -5.80 4.20
CA ASN A 218 -8.97 -4.93 4.35
C ASN A 218 -10.06 -5.71 5.08
N TYR A 219 -10.60 -5.12 6.15
CA TYR A 219 -11.67 -5.75 6.91
C TYR A 219 -12.93 -4.92 6.81
N LEU A 220 -14.03 -5.58 6.41
CA LEU A 220 -15.32 -4.90 6.37
C LEU A 220 -16.04 -5.10 7.70
N HIS A 221 -16.15 -4.05 8.51
CA HIS A 221 -16.73 -4.20 9.85
C HIS A 221 -18.23 -4.49 9.79
N TRP A 222 -18.97 -3.64 9.06
CA TRP A 222 -20.41 -3.83 8.86
C TRP A 222 -20.95 -3.10 7.63
N GLY A 223 -22.20 -3.43 7.25
CA GLY A 223 -22.93 -2.75 6.19
C GLY A 223 -23.03 -3.56 4.92
N GLU A 224 -23.38 -2.91 3.83
CA GLU A 224 -23.59 -3.62 2.56
C GLU A 224 -22.25 -3.98 1.92
N PRO A 225 -22.23 -4.96 0.99
CA PRO A 225 -20.95 -5.47 0.50
C PRO A 225 -20.09 -4.47 -0.31
N LYS A 226 -18.84 -4.88 -0.55
CA LYS A 226 -17.86 -4.11 -1.30
C LYS A 226 -17.40 -5.00 -2.44
N THR A 227 -17.53 -4.51 -3.68
CA THR A 227 -17.15 -5.31 -4.85
C THR A 227 -15.71 -5.02 -5.30
N TRP A 228 -14.91 -6.05 -5.53
CA TRP A 228 -13.48 -5.90 -5.83
C TRP A 228 -13.14 -6.47 -7.20
N TYR A 229 -12.16 -5.84 -7.85
CA TYR A 229 -11.50 -6.43 -9.02
C TYR A 229 -9.98 -6.43 -8.76
N GLY A 230 -9.32 -7.54 -9.11
CA GLY A 230 -7.88 -7.69 -8.90
C GLY A 230 -7.16 -8.36 -10.07
N VAL A 231 -5.91 -7.97 -10.24
CA VAL A 231 -5.03 -8.49 -11.30
C VAL A 231 -3.74 -9.02 -10.64
N PRO A 232 -3.28 -10.22 -11.02
CA PRO A 232 -2.08 -10.74 -10.35
C PRO A 232 -0.82 -9.90 -10.64
N GLY A 233 0.13 -9.93 -9.72
CA GLY A 233 1.37 -9.18 -9.86
C GLY A 233 2.16 -9.38 -11.15
N TYR A 234 2.12 -10.58 -11.72
CA TYR A 234 2.91 -10.82 -12.92
C TYR A 234 2.37 -10.05 -14.14
N ALA A 235 1.14 -9.55 -14.04
CA ALA A 235 0.50 -8.90 -15.18
C ALA A 235 0.46 -7.38 -15.03
N ALA A 236 1.15 -6.87 -14.01
CA ALA A 236 1.17 -5.43 -13.73
C ALA A 236 1.52 -4.58 -14.95
N GLU A 237 2.58 -4.95 -15.67
CA GLU A 237 3.03 -4.14 -16.79
C GLU A 237 2.12 -4.28 -18.03
N GLN A 238 1.47 -5.43 -18.21
CA GLN A 238 0.48 -5.54 -19.29
C GLN A 238 -0.65 -4.56 -19.04
N LEU A 239 -1.13 -4.49 -17.79
CA LEU A 239 -2.20 -3.56 -17.46
C LEU A 239 -1.77 -2.13 -17.72
N GLU A 240 -0.55 -1.79 -17.33
CA GLU A 240 -0.07 -0.43 -17.50
C GLU A 240 0.02 -0.05 -18.99
N ASN A 241 0.45 -0.97 -19.83
CA ASN A 241 0.50 -0.68 -21.27
C ASN A 241 -0.90 -0.43 -21.85
N VAL A 242 -1.89 -1.20 -21.41
CA VAL A 242 -3.28 -0.99 -21.84
C VAL A 242 -3.78 0.40 -21.40
N MET A 243 -3.45 0.77 -20.16
CA MET A 243 -3.84 2.09 -19.62
C MET A 243 -3.15 3.23 -20.36
N LYS A 244 -1.88 3.06 -20.72
CA LYS A 244 -1.16 4.09 -21.47
C LYS A 244 -1.82 4.39 -22.82
N LYS A 245 -2.25 3.35 -23.54
CA LYS A 245 -2.88 3.56 -24.82
C LYS A 245 -4.21 4.31 -24.68
N LEU A 246 -5.07 3.87 -23.76
CA LEU A 246 -6.41 4.45 -23.65
C LEU A 246 -6.50 5.73 -22.82
N ALA A 247 -5.49 6.01 -22.01
CA ALA A 247 -5.52 7.24 -21.20
C ALA A 247 -4.11 7.75 -20.84
N PRO A 248 -3.38 8.24 -21.85
CA PRO A 248 -1.97 8.67 -21.71
C PRO A 248 -1.75 9.84 -20.73
N GLU A 249 -2.83 10.55 -20.40
CA GLU A 249 -2.77 11.69 -19.49
C GLU A 249 -2.39 11.27 -18.06
N LEU A 250 -2.75 10.06 -17.66
CA LEU A 250 -2.47 9.55 -16.31
C LEU A 250 -1.00 9.23 -16.10
N PHE A 251 -0.20 9.39 -17.16
CA PHE A 251 1.18 8.96 -17.14
C PHE A 251 2.18 10.12 -17.26
N VAL A 252 1.66 11.33 -17.45
CA VAL A 252 2.44 12.55 -17.34
C VAL A 252 3.14 12.64 -15.97
N SER A 253 4.42 13.03 -15.95
CA SER A 253 5.19 13.09 -14.70
C SER A 253 4.59 14.08 -13.71
N GLN A 254 4.82 13.83 -12.43
CA GLN A 254 4.17 14.62 -11.38
C GLN A 254 5.17 15.01 -10.28
N PRO A 255 5.04 16.24 -9.75
CA PRO A 255 6.03 16.74 -8.79
C PRO A 255 5.87 16.19 -7.37
N ASP A 256 4.78 15.50 -7.06
CA ASP A 256 4.55 15.02 -5.69
C ASP A 256 3.98 13.61 -5.58
N LEU A 257 4.15 13.03 -4.39
CA LEU A 257 3.45 11.81 -3.99
C LEU A 257 1.96 12.14 -3.77
N LEU A 258 1.69 13.42 -3.52
CA LEU A 258 0.33 13.90 -3.26
C LEU A 258 -0.39 14.29 -4.55
N HIS A 259 0.11 13.82 -5.67
CA HIS A 259 -0.39 14.26 -6.97
C HIS A 259 -0.53 13.12 -7.98
N GLN A 260 -0.41 11.87 -7.50
CA GLN A 260 -0.55 10.69 -8.37
C GLN A 260 -1.95 10.63 -9.00
N LEU A 261 -2.01 10.35 -10.29
CA LEU A 261 -3.29 10.30 -11.01
C LEU A 261 -3.76 8.85 -11.23
N VAL A 262 -5.04 8.59 -10.97
CA VAL A 262 -5.61 7.26 -11.13
C VAL A 262 -6.98 7.32 -11.80
N THR A 263 -7.52 6.17 -12.17
CA THR A 263 -8.80 6.15 -12.88
C THR A 263 -9.64 4.87 -12.76
N ILE A 264 -10.94 5.02 -13.03
CA ILE A 264 -11.88 3.93 -13.19
C ILE A 264 -11.75 3.33 -14.59
N MET A 265 -11.71 2.00 -14.70
CA MET A 265 -11.68 1.37 -16.02
C MET A 265 -12.32 -0.02 -16.00
N ASN A 266 -13.22 -0.25 -16.96
CA ASN A 266 -13.97 -1.50 -17.05
C ASN A 266 -13.05 -2.72 -17.14
N PRO A 267 -13.22 -3.68 -16.22
CA PRO A 267 -12.40 -4.91 -16.29
C PRO A 267 -12.55 -5.66 -17.61
N ASN A 268 -13.71 -5.56 -18.27
CA ASN A 268 -13.90 -6.21 -19.58
C ASN A 268 -12.93 -5.62 -20.63
N THR A 269 -12.62 -4.34 -20.52
CA THR A 269 -11.64 -3.73 -21.41
C THR A 269 -10.27 -4.40 -21.22
N LEU A 270 -9.90 -4.65 -19.95
CA LEU A 270 -8.62 -5.31 -19.67
C LEU A 270 -8.63 -6.76 -20.18
N MET A 271 -9.72 -7.48 -19.95
CA MET A 271 -9.85 -8.88 -20.36
C MET A 271 -9.82 -9.03 -21.89
N THR A 272 -10.35 -8.05 -22.60
CA THR A 272 -10.28 -8.04 -24.08
C THR A 272 -8.83 -7.96 -24.54
N HIS A 273 -8.01 -7.23 -23.79
CA HIS A 273 -6.59 -7.11 -24.12
C HIS A 273 -5.73 -8.15 -23.41
N GLU A 274 -6.36 -9.25 -23.00
CA GLU A 274 -5.68 -10.43 -22.46
C GLU A 274 -4.98 -10.22 -21.09
N VAL A 275 -5.52 -9.31 -20.29
CA VAL A 275 -5.09 -9.17 -18.90
C VAL A 275 -6.00 -10.00 -18.00
N PRO A 276 -5.44 -10.90 -17.19
CA PRO A 276 -6.32 -11.69 -16.32
C PRO A 276 -6.90 -10.84 -15.19
N VAL A 277 -8.22 -10.93 -14.97
CA VAL A 277 -8.91 -10.17 -13.92
C VAL A 277 -9.82 -11.09 -13.10
N TYR A 278 -9.85 -10.91 -11.78
CA TYR A 278 -10.73 -11.67 -10.89
C TYR A 278 -11.62 -10.71 -10.10
N ARG A 279 -12.75 -11.21 -9.60
CA ARG A 279 -13.66 -10.37 -8.82
C ARG A 279 -14.03 -11.06 -7.50
N THR A 280 -14.57 -10.28 -6.56
CA THR A 280 -15.27 -10.86 -5.42
C THR A 280 -16.23 -9.82 -4.86
N ASN A 281 -17.27 -10.28 -4.15
CA ASN A 281 -18.04 -9.44 -3.24
C ASN A 281 -17.58 -9.74 -1.81
N GLN A 282 -17.09 -8.71 -1.14
CA GLN A 282 -16.66 -8.82 0.23
C GLN A 282 -17.84 -8.45 1.11
N CYS A 283 -18.27 -9.36 1.98
CA CYS A 283 -19.35 -9.06 2.91
C CYS A 283 -18.85 -8.74 4.33
N ALA A 284 -19.74 -8.21 5.17
CA ALA A 284 -19.41 -7.81 6.54
C ALA A 284 -18.80 -8.99 7.30
N GLY A 285 -17.72 -8.72 8.05
CA GLY A 285 -16.95 -9.76 8.74
C GLY A 285 -15.96 -10.53 7.87
N GLU A 286 -15.74 -10.10 6.63
CA GLU A 286 -14.75 -10.79 5.78
C GLU A 286 -13.49 -9.92 5.47
N PHE A 287 -12.38 -10.60 5.23
CA PHE A 287 -11.10 -9.98 4.87
C PHE A 287 -10.83 -10.15 3.39
N VAL A 288 -10.38 -9.08 2.74
CA VAL A 288 -9.69 -9.20 1.44
C VAL A 288 -8.20 -8.89 1.61
N ILE A 289 -7.36 -9.70 0.99
CA ILE A 289 -5.92 -9.47 1.01
C ILE A 289 -5.40 -9.22 -0.40
N THR A 290 -4.58 -8.18 -0.58
CA THR A 290 -3.92 -7.96 -1.88
C THR A 290 -2.43 -8.24 -1.79
N PHE A 291 -1.89 -8.84 -2.85
CA PHE A 291 -0.49 -9.27 -2.91
C PHE A 291 0.42 -8.26 -3.62
N PRO A 292 1.75 -8.38 -3.47
CA PRO A 292 2.64 -7.35 -4.04
C PRO A 292 2.50 -7.09 -5.55
N ARG A 293 2.37 -5.82 -5.91
CA ARG A 293 2.19 -5.38 -7.30
C ARG A 293 0.89 -5.86 -7.97
N ALA A 294 -0.08 -6.31 -7.18
CA ALA A 294 -1.40 -6.69 -7.69
C ALA A 294 -2.30 -5.45 -7.86
N TYR A 295 -2.60 -5.06 -9.09
CA TYR A 295 -3.53 -3.95 -9.31
C TYR A 295 -4.94 -4.29 -8.79
N HIS A 296 -5.65 -3.31 -8.23
CA HIS A 296 -7.03 -3.53 -7.79
C HIS A 296 -7.85 -2.25 -7.81
N SER A 297 -9.18 -2.44 -7.86
CA SER A 297 -10.20 -1.38 -7.84
C SER A 297 -11.53 -1.98 -7.39
N GLY A 298 -12.51 -1.11 -7.16
CA GLY A 298 -13.82 -1.60 -6.81
C GLY A 298 -14.78 -0.49 -6.42
N PHE A 299 -15.90 -0.86 -5.82
CA PHE A 299 -16.94 0.11 -5.45
C PHE A 299 -17.86 -0.50 -4.38
N ASN A 300 -18.53 0.36 -3.63
CA ASN A 300 -19.45 -0.08 -2.60
C ASN A 300 -20.88 -0.29 -3.12
N GLN A 301 -21.53 -1.31 -2.58
CA GLN A 301 -22.93 -1.61 -2.87
C GLN A 301 -23.89 -0.72 -2.12
N GLY A 302 -23.45 -0.19 -0.99
CA GLY A 302 -24.29 0.66 -0.17
C GLY A 302 -23.49 1.16 1.01
N PHE A 303 -24.21 1.72 1.99
CA PHE A 303 -23.63 2.25 3.23
C PHE A 303 -22.81 1.17 3.95
N ASN A 304 -21.52 1.44 4.18
CA ASN A 304 -20.71 0.47 4.92
C ASN A 304 -19.47 1.09 5.60
N PHE A 305 -18.69 0.26 6.28
CA PHE A 305 -17.52 0.74 7.05
C PHE A 305 -16.40 -0.30 7.02
N ALA A 306 -15.24 0.13 6.51
CA ALA A 306 -14.11 -0.76 6.34
C ALA A 306 -12.86 -0.15 6.97
N GLU A 307 -11.87 -1.02 7.20
CA GLU A 307 -10.59 -0.62 7.80
C GLU A 307 -9.49 -1.43 7.12
N ALA A 308 -8.39 -0.78 6.74
CA ALA A 308 -7.35 -1.44 5.95
C ALA A 308 -5.94 -1.01 6.37
N VAL A 309 -4.96 -1.86 6.12
CA VAL A 309 -3.59 -1.50 6.47
C VAL A 309 -2.59 -2.18 5.53
N ASN A 310 -1.49 -1.49 5.26
CA ASN A 310 -0.37 -2.05 4.48
C ASN A 310 0.52 -2.90 5.36
N PHE A 311 1.18 -3.90 4.79
CA PHE A 311 2.20 -4.63 5.52
C PHE A 311 3.18 -5.33 4.59
N CYS A 312 4.30 -5.78 5.16
CA CYS A 312 5.39 -6.38 4.41
C CYS A 312 5.96 -7.58 5.15
N THR A 313 5.96 -8.73 4.49
CA THR A 313 6.52 -9.95 5.04
C THR A 313 7.96 -10.13 4.52
N VAL A 314 8.66 -11.15 5.02
CA VAL A 314 10.02 -11.44 4.56
C VAL A 314 10.06 -11.85 3.08
N ASP A 315 9.03 -12.56 2.64
CA ASP A 315 8.81 -12.85 1.22
C ASP A 315 8.97 -11.62 0.32
N TRP A 316 8.58 -10.47 0.86
CA TRP A 316 8.46 -9.26 0.08
C TRP A 316 9.81 -8.55 -0.13
N LEU A 317 10.79 -8.79 0.76
CA LEU A 317 12.04 -8.02 0.74
C LEU A 317 12.69 -7.87 -0.66
N PRO A 318 12.86 -8.97 -1.42
CA PRO A 318 13.41 -8.80 -2.78
C PRO A 318 12.56 -7.91 -3.70
N LEU A 319 11.24 -8.04 -3.61
CA LEU A 319 10.35 -7.20 -4.42
C LEU A 319 10.48 -5.74 -4.04
N GLY A 320 10.64 -5.50 -2.74
CA GLY A 320 10.85 -4.14 -2.25
C GLY A 320 12.08 -3.44 -2.84
N ARG A 321 13.16 -4.21 -3.03
CA ARG A 321 14.35 -3.66 -3.68
C ARG A 321 14.07 -3.39 -5.16
N GLN A 322 13.43 -4.34 -5.84
N GLN A 322 13.43 -4.33 -5.86
CA GLN A 322 13.09 -4.18 -7.25
CA GLN A 322 13.10 -4.15 -7.28
C GLN A 322 12.15 -3.00 -7.48
C GLN A 322 12.18 -2.94 -7.47
N CYS A 323 11.25 -2.75 -6.54
CA CYS A 323 10.36 -1.59 -6.61
C CYS A 323 11.10 -0.26 -6.57
N VAL A 324 12.04 -0.11 -5.65
CA VAL A 324 12.80 1.13 -5.53
C VAL A 324 13.65 1.40 -6.79
N GLU A 325 14.21 0.34 -7.34
CA GLU A 325 14.86 0.41 -8.65
C GLU A 325 13.88 0.89 -9.75
N HIS A 326 12.69 0.31 -9.76
CA HIS A 326 11.67 0.72 -10.70
C HIS A 326 11.25 2.18 -10.51
N TYR A 327 11.13 2.65 -9.26
CA TYR A 327 10.84 4.08 -9.01
C TYR A 327 11.93 5.00 -9.57
N ARG A 328 13.18 4.54 -9.52
CA ARG A 328 14.30 5.35 -10.00
C ARG A 328 14.16 5.56 -11.51
N LEU A 329 14.00 4.48 -12.27
CA LEU A 329 13.76 4.56 -13.72
C LEU A 329 12.61 5.50 -14.08
N LEU A 330 11.58 5.55 -13.24
CA LEU A 330 10.39 6.38 -13.46
C LEU A 330 10.48 7.77 -12.85
N HIS A 331 11.57 8.06 -12.13
CA HIS A 331 11.69 9.30 -11.37
C HIS A 331 10.53 9.53 -10.37
N ARG A 332 10.06 8.46 -9.73
CA ARG A 332 8.99 8.56 -8.73
C ARG A 332 9.54 8.71 -7.31
N TYR A 333 8.88 9.51 -6.47
CA TYR A 333 9.27 9.63 -5.06
C TYR A 333 9.04 8.33 -4.27
N CYS A 334 9.93 8.08 -3.30
CA CYS A 334 9.82 6.95 -2.37
C CYS A 334 9.11 7.42 -1.11
N VAL A 335 8.48 6.48 -0.40
CA VAL A 335 7.90 6.79 0.90
C VAL A 335 8.96 6.69 2.02
N PHE A 336 9.87 5.73 1.88
CA PHE A 336 11.01 5.55 2.79
C PHE A 336 12.21 4.98 2.05
N SER A 337 13.40 5.03 2.69
CA SER A 337 14.57 4.37 2.15
C SER A 337 14.58 2.89 2.52
N HIS A 338 14.60 2.04 1.50
CA HIS A 338 14.69 0.59 1.68
C HIS A 338 16.02 0.18 2.33
N ASP A 339 17.13 0.75 1.84
CA ASP A 339 18.45 0.43 2.42
C ASP A 339 18.51 0.87 3.89
N GLU A 340 17.91 2.01 4.20
CA GLU A 340 17.89 2.45 5.57
C GLU A 340 17.17 1.42 6.45
N MET A 341 16.10 0.83 5.92
CA MET A 341 15.35 -0.14 6.70
C MET A 341 16.16 -1.42 6.92
N ILE A 342 16.87 -1.88 5.88
CA ILE A 342 17.72 -3.07 5.97
C ILE A 342 18.82 -2.87 7.04
N CYS A 343 19.52 -1.74 6.98
CA CYS A 343 20.59 -1.45 7.95
C CYS A 343 20.06 -1.29 9.37
N LYS A 344 18.85 -0.76 9.51
CA LYS A 344 18.26 -0.62 10.85
C LYS A 344 18.02 -2.01 11.44
N MET A 345 17.51 -2.91 10.61
CA MET A 345 17.30 -4.27 11.10
C MET A 345 18.62 -4.99 11.41
N ALA A 346 19.63 -4.82 10.56
CA ALA A 346 20.94 -5.44 10.79
C ALA A 346 21.51 -4.98 12.14
N SER A 347 21.37 -3.71 12.45
CA SER A 347 21.84 -3.14 13.71
C SER A 347 21.04 -3.61 14.93
N LYS A 348 19.93 -4.32 14.70
CA LYS A 348 19.16 -4.92 15.81
C LYS A 348 19.15 -6.45 15.67
N ALA A 349 20.19 -7.00 15.05
CA ALA A 349 20.24 -8.42 14.70
C ALA A 349 20.02 -9.36 15.88
N ASP A 350 20.49 -8.99 17.08
CA ASP A 350 20.38 -9.89 18.24
C ASP A 350 18.93 -10.17 18.68
N VAL A 351 18.02 -9.22 18.49
CA VAL A 351 16.63 -9.37 18.91
C VAL A 351 15.66 -9.71 17.77
N LEU A 352 16.20 -9.95 16.57
CA LEU A 352 15.37 -10.33 15.42
C LEU A 352 14.94 -11.78 15.46
N ASP A 353 13.74 -12.06 14.96
CA ASP A 353 13.32 -13.42 14.65
C ASP A 353 14.36 -14.04 13.72
N VAL A 354 14.57 -15.35 13.79
CA VAL A 354 15.71 -15.94 13.09
C VAL A 354 15.47 -16.16 11.59
N VAL A 355 14.21 -16.29 11.19
CA VAL A 355 13.88 -16.40 9.76
C VAL A 355 14.01 -15.04 9.11
N VAL A 356 13.55 -14.01 9.81
CA VAL A 356 13.75 -12.64 9.40
C VAL A 356 15.25 -12.38 9.17
N ALA A 357 16.06 -12.70 10.18
CA ALA A 357 17.49 -12.50 10.12
C ALA A 357 18.12 -13.13 8.90
N SER A 358 17.72 -14.36 8.58
CA SER A 358 18.24 -15.04 7.40
C SER A 358 17.89 -14.32 6.07
N THR A 359 16.66 -13.83 5.97
CA THR A 359 16.20 -13.21 4.72
C THR A 359 16.78 -11.80 4.56
N VAL A 360 16.87 -11.05 5.66
CA VAL A 360 17.53 -9.74 5.64
C VAL A 360 18.99 -9.88 5.19
N GLN A 361 19.66 -10.90 5.69
CA GLN A 361 21.05 -11.15 5.34
C GLN A 361 21.25 -11.28 3.83
N LYS A 362 20.36 -11.99 3.18
CA LYS A 362 20.43 -12.18 1.74
C LYS A 362 20.26 -10.85 0.99
N ASP A 363 19.30 -10.02 1.43
CA ASP A 363 19.07 -8.74 0.76
C ASP A 363 20.29 -7.84 0.98
N MET A 364 20.83 -7.87 2.20
CA MET A 364 21.97 -7.04 2.54
C MET A 364 23.18 -7.37 1.68
N ALA A 365 23.39 -8.65 1.42
CA ALA A 365 24.51 -9.12 0.60
C ALA A 365 24.45 -8.55 -0.81
N ILE A 366 23.24 -8.48 -1.36
CA ILE A 366 23.04 -7.87 -2.68
C ILE A 366 23.29 -6.37 -2.63
N MET A 367 22.77 -5.72 -1.59
CA MET A 367 22.97 -4.30 -1.38
C MET A 367 24.47 -3.94 -1.36
N ILE A 368 25.24 -4.74 -0.64
CA ILE A 368 26.65 -4.44 -0.46
C ILE A 368 27.42 -4.62 -1.78
N GLU A 369 27.17 -5.70 -2.49
CA GLU A 369 27.82 -5.88 -3.78
C GLU A 369 27.43 -4.80 -4.81
N ASP A 370 26.17 -4.36 -4.83
CA ASP A 370 25.79 -3.26 -5.72
C ASP A 370 26.50 -1.97 -5.33
N GLU A 371 26.61 -1.70 -4.03
CA GLU A 371 27.21 -0.47 -3.53
C GLU A 371 28.71 -0.44 -3.85
N LYS A 372 29.37 -1.59 -3.72
CA LYS A 372 30.79 -1.69 -4.08
C LYS A 372 31.03 -1.28 -5.53
N ALA A 373 30.23 -1.86 -6.44
CA ALA A 373 30.34 -1.55 -7.87
C ALA A 373 30.12 -0.08 -8.18
N LEU A 374 29.10 0.51 -7.56
CA LEU A 374 28.77 1.92 -7.78
C LEU A 374 29.90 2.84 -7.30
N ARG A 375 30.52 2.52 -6.17
CA ARG A 375 31.59 3.37 -5.64
C ARG A 375 32.83 3.30 -6.54
N GLU A 376 33.11 2.13 -7.08
CA GLU A 376 34.23 1.97 -8.02
C GLU A 376 34.00 2.80 -9.30
N THR A 377 32.77 2.76 -9.81
CA THR A 377 32.41 3.59 -10.96
C THR A 377 32.59 5.11 -10.71
N VAL A 378 32.14 5.63 -9.57
CA VAL A 378 32.26 7.08 -9.38
C VAL A 378 33.73 7.49 -9.10
N ARG A 379 34.51 6.61 -8.50
CA ARG A 379 35.95 6.86 -8.34
C ARG A 379 36.64 7.04 -9.72
N LYS A 380 36.25 6.22 -10.70
CA LYS A 380 36.84 6.30 -12.03
C LYS A 380 36.32 7.48 -12.81
N LEU A 381 35.34 8.18 -12.24
CA LEU A 381 34.83 9.41 -12.85
C LEU A 381 35.61 10.59 -12.28
N GLY A 382 36.45 10.32 -11.30
CA GLY A 382 37.34 11.34 -10.76
C GLY A 382 36.86 11.98 -9.46
N VAL A 383 35.84 11.40 -8.84
CA VAL A 383 35.43 11.84 -7.50
C VAL A 383 36.41 11.24 -6.50
N ILE A 384 37.16 12.08 -5.80
CA ILE A 384 38.21 11.57 -4.92
C ILE A 384 37.95 11.83 -3.45
N ASP A 385 37.60 13.06 -3.14
CA ASP A 385 37.29 13.48 -1.77
C ASP A 385 36.06 12.73 -1.22
N SER A 386 36.07 12.40 0.06
CA SER A 386 34.91 11.74 0.66
C SER A 386 34.77 12.08 2.15
N GLU A 387 33.56 11.89 2.69
CA GLU A 387 33.25 12.16 4.10
C GLU A 387 32.01 11.39 4.57
N ARG A 388 32.05 10.83 5.78
CA ARG A 388 30.88 10.12 6.30
C ARG A 388 29.73 11.10 6.52
N MET A 389 28.50 10.63 6.32
CA MET A 389 27.33 11.49 6.50
C MET A 389 26.17 10.68 7.03
N ASP A 390 25.54 11.13 8.12
CA ASP A 390 24.38 10.43 8.70
C ASP A 390 23.07 10.78 8.00
N PHE A 391 22.84 10.19 6.83
CA PHE A 391 21.65 10.50 6.03
C PHE A 391 20.32 10.41 6.79
N GLU A 392 20.21 9.50 7.75
CA GLU A 392 18.93 9.29 8.43
C GLU A 392 18.47 10.47 9.29
N LEU A 393 19.36 11.43 9.56
CA LEU A 393 19.03 12.66 10.29
C LEU A 393 18.41 13.75 9.39
N LEU A 394 18.64 13.64 8.09
CA LEU A 394 18.07 14.61 7.15
C LEU A 394 16.59 14.32 6.88
N PRO A 395 15.75 15.37 6.92
CA PRO A 395 14.38 15.29 6.40
C PRO A 395 14.39 14.71 4.99
N ASP A 396 13.40 13.89 4.64
CA ASP A 396 13.39 13.20 3.35
C ASP A 396 13.54 14.16 2.16
N ASP A 397 12.88 15.31 2.25
CA ASP A 397 12.91 16.28 1.16
C ASP A 397 14.27 16.94 1.06
N GLU A 398 15.14 16.69 2.02
CA GLU A 398 16.50 17.20 1.95
C GLU A 398 17.52 16.15 1.43
N ARG A 399 17.07 14.93 1.11
CA ARG A 399 18.02 13.95 0.59
C ARG A 399 17.51 13.14 -0.61
N GLN A 400 16.78 13.80 -1.49
CA GLN A 400 16.35 13.20 -2.76
C GLN A 400 17.33 13.52 -3.89
N CYS A 401 17.65 12.52 -4.70
CA CYS A 401 18.45 12.74 -5.92
C CYS A 401 17.78 13.79 -6.81
N VAL A 402 18.51 14.85 -7.13
CA VAL A 402 18.01 15.93 -8.00
C VAL A 402 17.43 15.39 -9.31
N LYS A 403 18.05 14.34 -9.85
CA LYS A 403 17.61 13.73 -11.10
C LYS A 403 16.44 12.76 -10.95
N CYS A 404 16.65 11.66 -10.22
CA CYS A 404 15.67 10.56 -10.21
C CYS A 404 14.74 10.54 -8.97
N LYS A 405 14.96 11.49 -8.06
CA LYS A 405 14.16 11.69 -6.83
C LYS A 405 14.23 10.56 -5.78
N THR A 406 15.14 9.60 -5.94
CA THR A 406 15.25 8.53 -4.96
C THR A 406 15.73 9.08 -3.59
N THR A 407 15.31 8.44 -2.51
CA THR A 407 15.76 8.84 -1.16
C THR A 407 17.14 8.24 -0.89
N CYS A 408 18.16 9.09 -0.77
CA CYS A 408 19.53 8.61 -0.50
C CYS A 408 19.75 8.10 0.95
N PHE A 409 20.54 7.02 1.09
CA PHE A 409 20.97 6.60 2.43
C PHE A 409 22.37 6.02 2.45
N MET A 410 22.65 5.07 1.55
CA MET A 410 23.97 4.46 1.50
C MET A 410 25.05 5.47 1.09
N SER A 411 24.75 6.28 0.08
CA SER A 411 25.69 7.26 -0.48
C SER A 411 25.05 8.27 -1.46
N ALA A 412 25.77 9.37 -1.67
CA ALA A 412 25.38 10.44 -2.57
C ALA A 412 26.60 11.28 -2.94
N ILE A 413 26.47 12.09 -3.98
CA ILE A 413 27.49 13.06 -4.38
C ILE A 413 27.00 14.49 -4.13
N SER A 414 27.86 15.31 -3.52
CA SER A 414 27.56 16.73 -3.34
C SER A 414 28.64 17.59 -3.97
N CYS A 415 28.37 18.89 -4.06
CA CYS A 415 29.36 19.88 -4.50
C CYS A 415 29.11 21.22 -3.81
N SER A 416 30.18 21.86 -3.30
CA SER A 416 30.06 23.14 -2.60
C SER A 416 29.48 24.26 -3.49
N CYS A 417 29.61 24.08 -4.81
CA CYS A 417 28.93 24.94 -5.77
C CYS A 417 27.39 25.01 -5.64
N LYS A 418 26.74 23.87 -5.42
CA LYS A 418 25.28 23.84 -5.21
C LYS A 418 24.95 23.32 -3.82
N PRO A 419 25.04 24.19 -2.81
CA PRO A 419 24.88 23.80 -1.42
C PRO A 419 23.54 23.12 -1.17
N GLY A 420 23.55 21.99 -0.47
CA GLY A 420 22.32 21.30 -0.14
C GLY A 420 21.81 20.31 -1.17
N LEU A 421 22.31 20.37 -2.40
CA LEU A 421 21.83 19.44 -3.43
C LEU A 421 22.61 18.13 -3.45
N LEU A 422 21.91 17.06 -3.81
CA LEU A 422 22.47 15.71 -3.89
C LEU A 422 22.04 14.99 -5.15
N VAL A 423 22.90 14.09 -5.62
CA VAL A 423 22.52 13.07 -6.58
C VAL A 423 22.95 11.70 -6.06
N CYS A 424 22.19 10.64 -6.40
CA CYS A 424 22.63 9.28 -6.10
C CYS A 424 23.79 8.93 -7.04
N LEU A 425 24.38 7.77 -6.86
CA LEU A 425 25.60 7.46 -7.59
C LEU A 425 25.34 7.06 -9.07
N HIS A 426 24.06 6.88 -9.44
CA HIS A 426 23.68 6.68 -10.85
C HIS A 426 23.66 8.00 -11.65
N HIS A 427 23.62 9.13 -10.96
CA HIS A 427 23.41 10.39 -11.64
C HIS A 427 24.45 11.45 -11.29
N VAL A 428 25.70 11.00 -11.15
CA VAL A 428 26.83 11.89 -10.87
C VAL A 428 26.98 13.01 -11.92
N LYS A 429 26.71 12.71 -13.19
CA LYS A 429 26.80 13.73 -14.25
C LYS A 429 25.70 14.78 -14.21
N GLU A 430 24.77 14.70 -13.25
CA GLU A 430 23.57 15.55 -13.28
C GLU A 430 23.52 16.62 -12.19
N LEU A 431 24.57 16.73 -11.39
CA LEU A 431 24.57 17.64 -10.26
C LEU A 431 24.86 19.09 -10.69
N CYS A 432 25.93 19.28 -11.47
CA CYS A 432 26.32 20.62 -11.92
C CYS A 432 27.42 20.55 -12.99
N SER A 433 28.03 21.71 -13.30
CA SER A 433 29.02 21.80 -14.37
C SER A 433 30.48 21.78 -13.93
N CYS A 434 30.74 21.77 -12.62
CA CYS A 434 32.11 21.76 -12.09
C CYS A 434 32.83 20.44 -12.40
N PRO A 435 34.17 20.46 -12.46
CA PRO A 435 34.89 19.19 -12.67
C PRO A 435 34.81 18.26 -11.45
N PRO A 436 34.83 16.95 -11.67
CA PRO A 436 34.63 15.93 -10.63
C PRO A 436 35.51 16.09 -9.40
N TYR A 437 36.68 16.70 -9.53
CA TYR A 437 37.55 16.82 -8.36
C TYR A 437 36.99 17.78 -7.32
N LYS A 438 36.04 18.63 -7.71
CA LYS A 438 35.35 19.50 -6.76
C LYS A 438 34.19 18.78 -6.03
N TYR A 439 33.85 17.56 -6.46
CA TYR A 439 32.74 16.82 -5.88
C TYR A 439 33.18 16.05 -4.65
N LYS A 440 32.21 15.57 -3.89
CA LYS A 440 32.51 14.82 -2.68
C LYS A 440 31.56 13.62 -2.54
N LEU A 441 32.12 12.44 -2.26
CA LEU A 441 31.29 11.29 -1.97
C LEU A 441 30.88 11.32 -0.49
N ARG A 442 29.58 11.43 -0.23
CA ARG A 442 29.04 11.32 1.13
C ARG A 442 28.49 9.92 1.37
N TYR A 443 28.96 9.23 2.42
CA TYR A 443 28.62 7.81 2.63
C TYR A 443 28.19 7.52 4.07
N ARG A 444 27.32 6.54 4.27
CA ARG A 444 26.85 6.27 5.62
C ARG A 444 27.81 5.30 6.34
N TYR A 445 28.29 4.29 5.61
CA TYR A 445 29.15 3.23 6.13
C TYR A 445 30.28 2.97 5.14
N THR A 446 31.48 2.65 5.63
CA THR A 446 32.54 2.08 4.80
C THR A 446 32.19 0.62 4.56
N LEU A 447 32.74 0.02 3.51
CA LEU A 447 32.56 -1.42 3.28
C LEU A 447 32.99 -2.24 4.51
N ASP A 448 34.05 -1.80 5.17
CA ASP A 448 34.51 -2.41 6.43
C ASP A 448 33.52 -2.33 7.58
N ASP A 449 32.68 -1.28 7.64
CA ASP A 449 31.60 -1.24 8.65
C ASP A 449 30.52 -2.27 8.32
N LEU A 450 30.28 -2.45 7.02
CA LEU A 450 29.13 -3.20 6.55
C LEU A 450 29.25 -4.72 6.72
N TYR A 451 30.43 -5.27 6.44
CA TYR A 451 30.59 -6.74 6.47
C TYR A 451 30.36 -7.33 7.87
N PRO A 452 30.85 -6.68 8.94
CA PRO A 452 30.46 -7.19 10.27
C PRO A 452 28.96 -7.04 10.63
N MET A 453 28.25 -6.09 10.03
CA MET A 453 26.80 -5.93 10.28
C MET A 453 26.10 -7.15 9.67
N MET A 454 26.53 -7.54 8.49
CA MET A 454 25.95 -8.72 7.85
C MET A 454 26.27 -10.01 8.62
N ASN A 455 27.50 -10.12 9.14
N ASN A 455 27.49 -10.08 9.16
CA ASN A 455 27.91 -11.26 9.95
CA ASN A 455 27.94 -11.23 9.94
C ASN A 455 27.07 -11.47 11.21
C ASN A 455 27.11 -11.46 11.21
N ALA A 456 26.68 -10.37 11.86
CA ALA A 456 25.80 -10.48 13.01
C ALA A 456 24.51 -11.17 12.61
N LEU A 457 24.00 -10.84 11.41
CA LEU A 457 22.76 -11.45 10.90
C LEU A 457 22.95 -12.94 10.67
N LYS A 458 24.10 -13.33 10.12
CA LYS A 458 24.39 -14.72 9.83
C LYS A 458 24.43 -15.57 11.12
N LEU A 459 25.06 -15.04 12.16
CA LEU A 459 25.13 -15.69 13.48
C LEU A 459 23.76 -15.85 14.15
N ARG A 460 22.91 -14.84 14.01
CA ARG A 460 21.57 -14.90 14.58
C ARG A 460 20.75 -15.97 13.83
N ALA A 461 20.97 -16.07 12.52
CA ALA A 461 20.30 -17.06 11.69
C ALA A 461 20.90 -18.46 11.83
N GLU A 462 22.13 -18.54 12.36
CA GLU A 462 22.89 -19.78 12.51
C GLU A 462 23.15 -20.46 11.17
ZN ZN B . 19.47 9.49 -8.99
ZN ZN C . 29.51 22.60 -8.68
S DMS D . -4.75 1.35 2.92
O DMS D . -5.83 1.40 1.87
C1 DMS D . -3.44 2.55 2.46
C2 DMS D . -3.87 -0.22 2.77
S DMS E . -10.52 7.45 -5.51
O DMS E . -9.70 6.45 -6.25
C1 DMS E . -9.67 9.05 -5.45
C2 DMS E . -10.59 7.01 -3.74
MN MN F . -5.18 -0.44 -2.14
N1 EPE G . 2.40 4.34 -11.99
C2 EPE G . 2.08 5.78 -11.77
C3 EPE G . 1.07 6.32 -12.78
N4 EPE G . -0.04 5.42 -13.02
C5 EPE G . 0.27 4.00 -13.14
C6 EPE G . 1.15 3.55 -11.99
C7 EPE G . -1.28 5.92 -13.59
C8 EPE G . -2.56 5.33 -12.98
O8 EPE G . -2.72 3.98 -13.34
C9 EPE G . 3.24 3.85 -10.88
C10 EPE G . 3.91 2.51 -11.20
S EPE G . 4.96 1.98 -9.82
O1S EPE G . 5.35 0.57 -9.88
O2S EPE G . 4.22 2.23 -8.58
O3S EPE G . 6.17 2.79 -9.88
C1 EDO H . 21.39 5.39 -2.33
O1 EDO H . 21.88 6.35 -1.34
C2 EDO H . 21.29 3.97 -1.76
O2 EDO H . 20.74 3.91 -0.42
C1 EDO I . -13.50 8.74 7.40
O1 EDO I . -13.85 7.49 6.81
C2 EDO I . -12.91 8.49 8.78
O2 EDO I . -12.35 9.71 9.30
C1 EDO J . 34.93 5.95 0.45
O1 EDO J . 34.20 4.74 0.17
C2 EDO J . 35.41 5.89 1.88
O2 EDO J . 35.06 4.59 2.40
C1 EDO K . 21.47 0.99 -3.63
O1 EDO K . 20.87 -0.01 -2.78
C2 EDO K . 22.85 0.51 -4.03
O2 EDO K . 23.38 -0.28 -2.96
C1 EDO L . 5.36 -9.27 -9.48
O1 EDO L . 5.28 -10.66 -9.86
C2 EDO L . 6.82 -8.83 -9.51
O2 EDO L . 7.00 -7.82 -10.51
C1 EDO M . 35.55 8.49 -3.54
O1 EDO M . 35.64 8.09 -4.92
C2 EDO M . 36.63 7.79 -2.70
O2 EDO M . 37.93 8.30 -3.07
C1 EDO N . 22.34 -13.94 -1.24
O1 EDO N . 22.03 -12.56 -1.51
C2 EDO N . 23.58 -14.09 -0.35
O2 EDO N . 23.23 -14.36 1.03
C1 EDO O . -6.10 4.91 -5.06
O1 EDO O . -7.36 4.37 -5.49
C2 EDO O . -6.10 5.26 -3.58
O2 EDO O . -6.85 6.46 -3.32
CL CL P . -20.64 9.35 -16.53
S YS6 Q . -12.09 0.23 0.66
C5 YS6 Q . -12.01 1.76 -0.07
N2 YS6 Q . -13.03 2.61 -0.02
N1 YS6 Q . -10.90 2.15 -0.73
C4 YS6 Q . -9.68 1.49 -0.96
C YS6 Q . -8.58 2.28 -1.31
C3 YS6 Q . -9.52 0.11 -0.97
C2 YS6 Q . -8.29 -0.42 -1.33
N YS6 Q . -7.24 0.33 -1.68
C1 YS6 Q . -7.41 1.66 -1.66
P PO4 R . 17.65 8.49 -16.62
O1 PO4 R . 17.60 8.46 -18.14
O2 PO4 R . 18.90 7.80 -16.12
O3 PO4 R . 17.61 9.93 -16.18
O4 PO4 R . 16.43 7.76 -16.06
P PO4 S . 34.57 7.56 11.89
O1 PO4 S . 35.04 6.20 11.39
O2 PO4 S . 35.83 7.95 12.64
O3 PO4 S . 34.46 8.54 10.72
O4 PO4 S . 33.45 7.25 12.88
#